data_4UU8
#
_entry.id   4UU8
#
_cell.length_a   87.490
_cell.length_b   87.490
_cell.length_c   314.770
_cell.angle_alpha   90.00
_cell.angle_beta   90.00
_cell.angle_gamma   120.00
#
_symmetry.space_group_name_H-M   'P 65 2 2'
#
loop_
_entity.id
_entity.type
_entity.pdbx_description
1 polymer 'NAD-DEPENDENT PROTEIN DEACYLASE SIRTUIN-5, MITOCHONDRIAL'
2 polymer 'CARBAMOYLPHOSPHATE SYNTHETASE I'
3 non-polymer 'ZINC ION'
4 non-polymer '2,2-dimethylbutanedioic acid'
5 non-polymer 'DIMETHYL SULFOXIDE'
6 non-polymer '4-(2-HYDROXYETHYL)-1-PIPERAZINE ETHANESULFONIC ACID'
7 non-polymer 1,2-ETHANEDIOL
8 non-polymer 'SODIUM ION'
9 water water
#
loop_
_entity_poly.entity_id
_entity_poly.type
_entity_poly.pdbx_seq_one_letter_code
_entity_poly.pdbx_strand_id
1 'polypeptide(L)'
;GIDPFTTRPSSDLTAFREHFAKAKHIAIITGAGVSAESGVPTFRGPGGFWRKWQAQDLATPEAFSRDPSLVWEFYHYRRE
VMRSKMPNPAHLAIAECEARLGQQGRSVVIITQNIDELHHRAGSKHVYEIHGSLFKTRCMSCGEVKANHKSPICPALDGK
GAPDPNTKEARIPVELLPRCERKSCNGLLRPHVVWFGETLDSDILTAVERELEKCDLCLVVGTSSIVYPAAMFAPQVASR
GVPVAEFNMECTPATQRFKYHFEGPCGSTLPPALE
;
A,B
2 'polypeptide(L)' (BEZ)GVLKEYGV D
#
loop_
_chem_comp.id
_chem_comp.type
_chem_comp.name
_chem_comp.formula
BEZ non-polymer 'BENZOIC ACID' 'C7 H6 O2'
DMS non-polymer 'DIMETHYL SULFOXIDE' 'C2 H6 O S'
EDO non-polymer 1,2-ETHANEDIOL 'C2 H6 O2'
EPE non-polymer '4-(2-HYDROXYETHYL)-1-PIPERAZINE ETHANESULFONIC ACID' 'C8 H18 N2 O4 S'
NA non-polymer 'SODIUM ION' 'Na 1'
WOC non-polymer '2,2-dimethylbutanedioic acid' 'C6 H10 O4'
ZN non-polymer 'ZINC ION' 'Zn 2'
#
# COMPACT_ATOMS: atom_id res chain seq x y z
N ASP A 12 15.95 -7.80 -20.72
CA ASP A 12 14.67 -8.39 -21.21
C ASP A 12 13.80 -8.95 -20.06
N LEU A 13 12.53 -8.54 -20.05
CA LEU A 13 11.56 -8.90 -19.00
C LEU A 13 11.22 -10.37 -19.09
N THR A 14 10.91 -10.80 -20.30
CA THR A 14 10.65 -12.19 -20.58
C THR A 14 11.68 -13.15 -19.97
N ALA A 15 12.95 -12.77 -20.12
CA ALA A 15 14.02 -13.63 -19.63
C ALA A 15 13.87 -13.76 -18.13
N PHE A 16 13.75 -12.61 -17.49
CA PHE A 16 13.55 -12.54 -16.07
C PHE A 16 12.34 -13.37 -15.65
N ARG A 17 11.20 -13.17 -16.31
CA ARG A 17 10.01 -13.89 -15.91
C ARG A 17 10.20 -15.42 -15.97
N GLU A 18 10.88 -15.91 -17.00
CA GLU A 18 11.19 -17.33 -17.04
C GLU A 18 11.92 -17.77 -15.77
N HIS A 19 12.89 -16.99 -15.28
CA HIS A 19 13.53 -17.34 -14.02
C HIS A 19 12.60 -17.25 -12.85
N PHE A 20 11.87 -16.14 -12.82
CA PHE A 20 10.93 -15.88 -11.75
C PHE A 20 10.01 -17.05 -11.54
N ALA A 21 9.49 -17.61 -12.63
CA ALA A 21 8.50 -18.70 -12.55
C ALA A 21 9.11 -19.96 -11.99
N LYS A 22 10.38 -20.19 -12.35
CA LYS A 22 11.12 -21.36 -11.81
C LYS A 22 11.55 -21.18 -10.33
N ALA A 23 11.82 -19.96 -9.90
CA ALA A 23 12.44 -19.72 -8.60
C ALA A 23 11.70 -20.27 -7.41
N LYS A 24 12.41 -20.89 -6.48
CA LYS A 24 11.82 -21.39 -5.23
C LYS A 24 12.22 -20.61 -3.97
N HIS A 25 13.35 -19.88 -4.02
CA HIS A 25 13.77 -19.08 -2.88
C HIS A 25 14.31 -17.75 -3.34
N ILE A 26 13.42 -16.76 -3.35
CA ILE A 26 13.75 -15.43 -3.79
C ILE A 26 14.19 -14.55 -2.62
N ALA A 27 15.28 -13.80 -2.83
CA ALA A 27 15.73 -12.83 -1.86
C ALA A 27 15.68 -11.47 -2.51
N ILE A 28 15.14 -10.51 -1.78
CA ILE A 28 14.94 -9.19 -2.29
C ILE A 28 15.64 -8.24 -1.35
N ILE A 29 16.70 -7.61 -1.84
CA ILE A 29 17.36 -6.55 -1.08
C ILE A 29 16.83 -5.21 -1.53
N THR A 30 16.50 -4.36 -0.58
CA THR A 30 15.91 -3.07 -0.88
C THR A 30 16.67 -1.92 -0.29
N GLY A 31 16.86 -0.90 -1.10
CA GLY A 31 17.60 0.29 -0.68
C GLY A 31 16.74 1.52 -0.55
N ALA A 32 17.40 2.66 -0.41
CA ALA A 32 16.69 3.89 -0.11
C ALA A 32 15.78 4.35 -1.25
N GLY A 33 16.01 3.84 -2.43
CA GLY A 33 15.16 4.22 -3.54
C GLY A 33 13.69 3.94 -3.32
N VAL A 34 13.41 2.84 -2.63
CA VAL A 34 12.03 2.39 -2.58
C VAL A 34 11.33 3.21 -1.49
N SER A 35 12.04 3.58 -0.44
CA SER A 35 11.51 4.50 0.54
C SER A 35 11.36 5.92 -0.06
N ALA A 36 12.26 6.29 -0.94
CA ALA A 36 12.23 7.60 -1.56
C ALA A 36 11.00 7.82 -2.39
N GLU A 37 10.60 6.81 -3.16
CA GLU A 37 9.35 6.87 -3.94
C GLU A 37 8.08 6.91 -3.10
N SER A 38 8.19 6.79 -1.80
CA SER A 38 7.03 7.01 -0.97
C SER A 38 7.19 8.37 -0.33
N GLY A 39 8.05 9.20 -0.88
CA GLY A 39 8.23 10.52 -0.36
C GLY A 39 8.92 10.67 0.98
N VAL A 40 9.70 9.66 1.39
CA VAL A 40 10.38 9.71 2.67
C VAL A 40 11.73 10.39 2.51
N PRO A 41 11.94 11.46 3.24
CA PRO A 41 13.25 12.10 3.19
C PRO A 41 14.36 11.22 3.84
N THR A 42 15.51 11.10 3.18
CA THR A 42 16.66 10.43 3.81
C THR A 42 17.67 11.42 4.39
N PHE A 43 17.51 12.71 4.13
CA PHE A 43 18.36 13.73 4.69
C PHE A 43 19.85 13.60 4.33
N ARG A 44 20.12 13.25 3.07
CA ARG A 44 21.47 12.97 2.58
C ARG A 44 21.75 13.42 1.16
N GLY A 45 22.72 14.30 0.98
CA GLY A 45 22.97 14.83 -0.35
C GLY A 45 22.11 16.05 -0.63
N PRO A 46 22.26 16.65 -1.82
CA PRO A 46 21.62 17.91 -2.18
C PRO A 46 20.24 18.16 -1.59
N GLY A 47 20.16 19.26 -0.86
CA GLY A 47 18.93 19.72 -0.21
C GLY A 47 18.24 18.75 0.73
N GLY A 48 18.94 17.71 1.16
CA GLY A 48 18.40 16.79 2.15
C GLY A 48 18.89 17.28 3.50
N PHE A 49 18.27 18.35 4.00
CA PHE A 49 18.65 18.96 5.28
C PHE A 49 17.52 18.90 6.30
N TRP A 50 17.86 18.88 7.59
CA TRP A 50 16.90 19.04 8.67
C TRP A 50 17.50 20.07 9.57
N ARG A 51 16.81 21.20 9.68
CA ARG A 51 17.40 22.37 10.31
C ARG A 51 18.71 22.59 9.61
N LYS A 52 19.80 22.76 10.35
CA LYS A 52 21.10 23.07 9.73
C LYS A 52 21.89 21.81 9.41
N TRP A 53 21.34 20.65 9.73
CA TRP A 53 22.11 19.40 9.67
C TRP A 53 21.66 18.45 8.61
N GLN A 54 22.53 17.50 8.33
CA GLN A 54 22.25 16.36 7.48
C GLN A 54 22.35 15.10 8.34
N ALA A 55 21.94 13.96 7.81
CA ALA A 55 21.89 12.74 8.62
C ALA A 55 23.25 12.35 9.21
N GLN A 56 24.30 12.45 8.39
CA GLN A 56 25.66 12.09 8.84
C GLN A 56 26.00 12.82 10.14
N ASP A 57 25.57 14.08 10.26
CA ASP A 57 25.88 14.88 11.43
C ASP A 57 25.14 14.43 12.66
N LEU A 58 23.95 13.88 12.48
CA LEU A 58 23.12 13.58 13.63
C LEU A 58 23.01 12.09 13.95
N ALA A 59 23.10 11.23 12.94
CA ALA A 59 22.94 9.77 13.15
C ALA A 59 24.24 9.07 13.65
N THR A 60 24.80 9.55 14.77
CA THR A 60 26.05 9.03 15.34
C THR A 60 25.91 8.96 16.83
N PRO A 61 26.62 8.03 17.50
CA PRO A 61 26.51 7.99 18.96
C PRO A 61 27.07 9.21 19.65
N GLU A 62 27.96 9.91 18.94
CA GLU A 62 28.62 11.09 19.48
C GLU A 62 27.62 12.22 19.54
N ALA A 63 26.87 12.39 18.45
CA ALA A 63 25.81 13.37 18.48
C ALA A 63 24.81 13.07 19.62
N PHE A 64 24.44 11.80 19.79
CA PHE A 64 23.51 11.41 20.85
C PHE A 64 24.12 11.75 22.20
N SER A 65 25.42 11.52 22.35
CA SER A 65 26.06 11.83 23.62
C SER A 65 26.07 13.32 23.86
N ARG A 66 26.53 14.08 22.87
CA ARG A 66 26.63 15.56 22.98
C ARG A 66 25.26 16.16 23.14
N ASP A 67 24.31 15.82 22.29
CA ASP A 67 23.02 16.50 22.34
C ASP A 67 21.84 15.54 22.11
N PRO A 68 21.48 14.80 23.15
CA PRO A 68 20.40 13.81 23.04
C PRO A 68 19.01 14.39 22.73
N SER A 69 18.71 15.56 23.26
CA SER A 69 17.46 16.22 22.90
C SER A 69 17.43 16.42 21.39
N LEU A 70 18.42 17.14 20.87
CA LEU A 70 18.44 17.49 19.46
C LEU A 70 18.28 16.27 18.52
N VAL A 71 18.96 15.18 18.84
CA VAL A 71 18.87 13.96 18.05
C VAL A 71 17.46 13.39 18.11
N TRP A 72 16.93 13.25 19.32
CA TRP A 72 15.55 12.83 19.46
C TRP A 72 14.57 13.77 18.77
N GLU A 73 14.79 15.07 18.80
CA GLU A 73 13.93 15.94 18.03
C GLU A 73 13.89 15.45 16.59
N PHE A 74 15.06 15.18 16.05
CA PHE A 74 15.24 14.73 14.66
C PHE A 74 14.55 13.42 14.39
N TYR A 75 14.72 12.45 15.28
CA TYR A 75 14.05 11.19 15.09
C TYR A 75 12.55 11.32 15.33
N HIS A 76 12.12 12.17 16.25
CA HIS A 76 10.66 12.44 16.47
C HIS A 76 10.04 12.88 15.16
N TYR A 77 10.60 13.91 14.56
CA TYR A 77 10.12 14.41 13.30
C TYR A 77 10.01 13.28 12.33
N ARG A 78 11.06 12.49 12.22
CA ARG A 78 11.07 11.44 11.23
C ARG A 78 9.97 10.40 11.46
N ARG A 79 9.76 10.04 12.72
CA ARG A 79 8.65 9.19 13.12
C ARG A 79 7.30 9.80 12.73
N GLU A 80 7.13 11.10 12.95
CA GLU A 80 5.84 11.77 12.63
C GLU A 80 5.59 11.88 11.13
N VAL A 81 6.62 12.20 10.34
CA VAL A 81 6.40 12.33 8.92
C VAL A 81 6.00 11.01 8.28
N MET A 82 6.11 9.89 9.00
CA MET A 82 5.71 8.58 8.47
C MET A 82 4.21 8.37 8.52
N ARG A 83 3.55 9.20 9.32
CA ARG A 83 2.10 9.13 9.40
C ARG A 83 1.45 9.49 8.07
N SER A 84 2.09 10.34 7.26
CA SER A 84 1.54 10.68 5.94
C SER A 84 2.18 9.94 4.75
N LYS A 85 3.25 9.18 4.94
CA LYS A 85 3.84 8.44 3.84
C LYS A 85 3.36 7.01 3.80
N MET A 86 2.84 6.58 2.66
CA MET A 86 2.36 5.24 2.57
C MET A 86 3.30 4.40 1.71
N PRO A 87 3.26 3.08 1.89
CA PRO A 87 3.84 2.12 0.96
C PRO A 87 3.47 2.38 -0.50
N ASN A 88 4.47 2.48 -1.37
CA ASN A 88 4.25 2.54 -2.78
C ASN A 88 4.01 1.18 -3.37
N PRO A 89 3.57 1.14 -4.64
CA PRO A 89 3.28 -0.11 -5.36
C PRO A 89 4.40 -1.14 -5.35
N ALA A 90 5.65 -0.68 -5.24
CA ALA A 90 6.78 -1.61 -5.09
C ALA A 90 6.66 -2.39 -3.77
N HIS A 91 6.35 -1.71 -2.65
CA HIS A 91 6.21 -2.40 -1.39
C HIS A 91 5.13 -3.41 -1.48
N LEU A 92 4.04 -3.01 -2.09
CA LEU A 92 2.87 -3.88 -2.16
C LEU A 92 3.14 -5.08 -2.99
N ALA A 93 3.72 -4.86 -4.17
CA ALA A 93 3.91 -5.96 -5.10
C ALA A 93 4.80 -7.00 -4.44
N ILE A 94 5.85 -6.53 -3.76
CA ILE A 94 6.67 -7.45 -3.00
C ILE A 94 5.77 -8.19 -2.01
N ALA A 95 5.10 -7.47 -1.11
CA ALA A 95 4.33 -8.17 -0.09
C ALA A 95 3.36 -9.22 -0.67
N GLU A 96 2.76 -8.90 -1.77
CA GLU A 96 1.73 -9.74 -2.25
C GLU A 96 2.38 -10.91 -2.86
N CYS A 97 3.42 -10.66 -3.63
CA CYS A 97 4.28 -11.72 -4.17
C CYS A 97 4.68 -12.72 -3.08
N GLU A 98 5.20 -12.22 -1.95
CA GLU A 98 5.54 -13.09 -0.83
C GLU A 98 4.34 -13.94 -0.46
N ALA A 99 3.23 -13.27 -0.16
CA ALA A 99 2.04 -13.94 0.24
C ALA A 99 1.73 -15.04 -0.77
N ARG A 100 1.69 -14.67 -2.03
CA ARG A 100 1.27 -15.56 -3.10
C ARG A 100 2.18 -16.74 -3.22
N LEU A 101 3.47 -16.52 -3.18
CA LEU A 101 4.41 -17.62 -3.34
C LEU A 101 4.45 -18.54 -2.13
N GLY A 102 4.36 -17.96 -0.94
CA GLY A 102 4.26 -18.77 0.30
C GLY A 102 3.20 -19.83 0.19
N GLN A 103 2.03 -19.48 -0.32
CA GLN A 103 0.95 -20.42 -0.58
C GLN A 103 1.42 -21.67 -1.31
N GLN A 104 2.37 -21.46 -2.22
CA GLN A 104 2.82 -22.49 -3.16
C GLN A 104 4.09 -23.15 -2.66
N GLY A 105 4.46 -22.93 -1.40
CA GLY A 105 5.70 -23.47 -0.86
C GLY A 105 6.95 -22.86 -1.48
N ARG A 106 6.89 -21.60 -1.87
CA ARG A 106 8.06 -20.91 -2.36
C ARG A 106 8.28 -19.69 -1.46
N SER A 107 9.53 -19.43 -1.13
CA SER A 107 9.79 -18.43 -0.14
C SER A 107 10.16 -17.10 -0.79
N VAL A 108 9.96 -16.01 -0.02
CA VAL A 108 10.39 -14.68 -0.40
C VAL A 108 10.82 -13.94 0.86
N VAL A 109 12.08 -13.49 0.87
CA VAL A 109 12.61 -12.73 2.02
C VAL A 109 13.09 -11.34 1.64
N ILE A 110 12.94 -10.42 2.57
CA ILE A 110 13.34 -9.06 2.32
C ILE A 110 14.49 -8.71 3.26
N ILE A 111 15.50 -8.14 2.66
CA ILE A 111 16.61 -7.62 3.38
C ILE A 111 16.66 -6.17 3.00
N THR A 112 16.34 -5.31 3.96
CA THR A 112 16.21 -3.89 3.68
C THR A 112 17.17 -3.05 4.51
N GLN A 113 17.73 -2.02 3.88
CA GLN A 113 18.51 -1.05 4.64
C GLN A 113 17.58 0.00 5.27
N ASN A 114 16.30 -0.01 4.92
CA ASN A 114 15.44 1.06 5.30
C ASN A 114 14.86 0.85 6.70
N ILE A 115 14.69 1.97 7.39
CA ILE A 115 14.28 1.95 8.78
C ILE A 115 12.87 2.52 9.02
N ASP A 116 12.05 2.59 7.96
CA ASP A 116 10.74 3.24 8.03
C ASP A 116 9.54 2.28 8.18
N GLU A 117 9.80 0.98 8.19
CA GLU A 117 8.77 -0.05 8.34
C GLU A 117 7.78 -0.13 7.15
N LEU A 118 8.08 0.55 6.04
CA LEU A 118 7.14 0.51 4.94
C LEU A 118 6.93 -0.88 4.42
N HIS A 119 7.92 -1.76 4.43
CA HIS A 119 7.62 -3.11 3.94
C HIS A 119 6.64 -3.82 4.88
N HIS A 120 6.65 -3.48 6.17
CA HIS A 120 5.80 -4.16 7.15
CA HIS A 120 5.80 -4.16 7.17
C HIS A 120 4.35 -3.70 6.99
N ARG A 121 4.20 -2.42 6.69
CA ARG A 121 2.91 -1.84 6.43
C ARG A 121 2.32 -2.29 5.10
N ALA A 122 3.17 -2.74 4.19
CA ALA A 122 2.67 -3.29 2.91
C ALA A 122 2.20 -4.71 3.15
N GLY A 123 2.64 -5.28 4.26
CA GLY A 123 2.23 -6.61 4.67
C GLY A 123 3.29 -7.67 4.44
N SER A 124 4.52 -7.26 4.20
CA SER A 124 5.64 -8.22 4.16
C SER A 124 5.82 -8.81 5.56
N LYS A 125 6.28 -10.06 5.60
CA LYS A 125 6.41 -10.80 6.83
C LYS A 125 7.84 -11.18 7.07
N HIS A 126 8.51 -11.82 6.12
CA HIS A 126 9.89 -12.24 6.33
C HIS A 126 10.79 -11.14 5.86
N VAL A 127 11.09 -10.23 6.78
CA VAL A 127 11.84 -9.02 6.51
C VAL A 127 12.99 -8.90 7.49
N TYR A 128 14.17 -8.53 7.00
CA TYR A 128 15.31 -8.32 7.88
C TYR A 128 15.77 -6.86 7.82
N GLU A 129 15.63 -6.15 8.95
CA GLU A 129 15.93 -4.72 9.02
C GLU A 129 17.35 -4.56 9.54
N ILE A 130 18.29 -4.58 8.61
CA ILE A 130 19.71 -4.57 8.98
C ILE A 130 20.20 -3.24 9.54
N HIS A 131 19.41 -2.18 9.40
CA HIS A 131 19.80 -0.95 10.03
C HIS A 131 18.79 -0.62 11.10
N GLY A 132 17.95 -1.57 11.47
CA GLY A 132 16.98 -1.31 12.56
C GLY A 132 15.70 -0.59 12.17
N SER A 133 15.14 0.24 13.05
CA SER A 133 13.82 0.84 12.81
C SER A 133 13.51 2.07 13.68
N LEU A 134 12.95 3.10 13.07
CA LEU A 134 12.53 4.30 13.78
C LEU A 134 11.52 3.98 14.89
N PHE A 135 10.80 2.88 14.71
CA PHE A 135 9.72 2.54 15.62
C PHE A 135 10.11 1.38 16.52
N LYS A 136 11.38 1.37 16.88
CA LYS A 136 11.88 0.58 17.95
C LYS A 136 12.81 1.41 18.77
N THR A 137 12.79 1.16 20.07
CA THR A 137 13.75 1.76 20.98
C THR A 137 14.72 0.72 21.52
N ARG A 138 15.94 1.16 21.81
CA ARG A 138 16.83 0.37 22.64
C ARG A 138 17.13 1.17 23.94
N CYS A 139 17.08 0.50 25.09
CA CYS A 139 17.43 1.16 26.36
C CYS A 139 18.93 1.24 26.50
N MET A 140 19.42 2.39 26.93
CA MET A 140 20.87 2.55 27.06
C MET A 140 21.38 1.82 28.29
N SER A 141 20.54 1.58 29.27
CA SER A 141 21.00 0.94 30.50
C SER A 141 20.94 -0.56 30.32
N CYS A 142 19.75 -1.09 30.06
CA CYS A 142 19.54 -2.52 30.06
C CYS A 142 19.53 -3.16 28.70
N GLY A 143 19.32 -2.40 27.64
CA GLY A 143 19.48 -2.92 26.28
C GLY A 143 18.25 -3.57 25.69
N GLU A 144 17.12 -3.46 26.38
CA GLU A 144 15.88 -4.06 25.90
C GLU A 144 15.43 -3.33 24.65
N VAL A 145 15.11 -4.08 23.63
CA VAL A 145 14.58 -3.56 22.37
C VAL A 145 13.05 -3.63 22.35
N LYS A 146 12.36 -2.52 22.32
CA LYS A 146 10.88 -2.58 22.37
C LYS A 146 10.27 -1.88 21.17
N ALA A 147 9.21 -2.48 20.66
CA ALA A 147 8.47 -1.86 19.56
C ALA A 147 7.77 -0.68 20.13
N ASN A 148 7.81 0.44 19.43
CA ASN A 148 7.14 1.65 19.90
C ASN A 148 6.69 2.52 18.74
N HIS A 149 5.37 2.76 18.65
CA HIS A 149 4.80 3.66 17.65
C HIS A 149 4.05 4.86 18.25
N LYS A 150 4.13 5.07 19.56
CA LYS A 150 3.48 6.25 20.20
C LYS A 150 3.69 7.51 19.43
N SER A 151 2.70 8.39 19.51
CA SER A 151 2.79 9.69 18.90
C SER A 151 2.15 10.67 19.85
N PRO A 152 2.94 11.50 20.52
CA PRO A 152 4.38 11.53 20.52
C PRO A 152 4.96 10.46 21.45
N ILE A 153 6.09 9.92 21.02
CA ILE A 153 6.86 8.93 21.79
C ILE A 153 6.99 9.29 23.28
N CYS A 154 7.13 10.58 23.58
CA CYS A 154 7.00 11.08 24.93
C CYS A 154 6.43 12.52 24.88
N PRO A 155 5.64 12.90 25.93
CA PRO A 155 5.02 14.23 26.08
C PRO A 155 5.99 15.37 25.76
N ALA A 156 7.13 15.36 26.42
CA ALA A 156 8.11 16.42 26.26
C ALA A 156 8.30 16.85 24.80
N LEU A 157 8.16 15.90 23.90
CA LEU A 157 8.47 16.12 22.50
C LEU A 157 7.23 16.44 21.68
N ASP A 158 6.06 16.43 22.31
CA ASP A 158 4.84 16.80 21.61
C ASP A 158 5.09 18.10 20.84
N GLY A 159 4.80 18.07 19.55
CA GLY A 159 4.91 19.26 18.72
C GLY A 159 6.31 19.79 18.50
N LYS A 160 7.35 19.00 18.78
CA LYS A 160 8.74 19.45 18.57
C LYS A 160 9.24 18.89 17.25
N GLY A 161 10.52 19.11 16.96
CA GLY A 161 11.20 18.49 15.83
C GLY A 161 10.98 19.20 14.51
N ALA A 162 10.55 20.46 14.55
CA ALA A 162 10.33 21.20 13.31
C ALA A 162 11.61 21.24 12.47
N PRO A 163 11.48 21.15 11.15
CA PRO A 163 12.59 21.15 10.20
C PRO A 163 13.18 22.50 9.80
N ASP A 164 12.36 23.55 9.66
CA ASP A 164 12.84 24.83 9.20
C ASP A 164 14.15 25.21 9.98
N PRO A 165 15.24 25.53 9.25
CA PRO A 165 16.57 25.79 9.86
C PRO A 165 16.60 26.74 11.05
N ASN A 166 15.56 27.57 11.21
CA ASN A 166 15.53 28.63 12.21
C ASN A 166 14.75 28.26 13.43
N THR A 167 14.38 26.99 13.58
CA THR A 167 13.57 26.61 14.73
C THR A 167 14.39 26.77 16.02
N LYS A 168 13.74 26.93 17.16
CA LYS A 168 14.46 26.82 18.43
C LYS A 168 14.62 25.39 18.81
N GLU A 169 15.79 25.11 19.34
CA GLU A 169 16.03 23.86 20.03
C GLU A 169 15.03 23.72 21.18
N ALA A 170 14.52 22.51 21.36
CA ALA A 170 13.68 22.21 22.50
C ALA A 170 14.50 22.00 23.76
N ARG A 171 15.82 21.78 23.61
CA ARG A 171 16.74 21.62 24.74
C ARG A 171 15.97 20.96 25.91
N ILE A 172 15.53 19.74 25.66
CA ILE A 172 14.78 18.95 26.62
C ILE A 172 15.66 18.27 27.68
N PRO A 173 15.35 18.50 28.97
CA PRO A 173 16.08 17.80 30.02
C PRO A 173 16.10 16.30 29.77
N VAL A 174 17.27 15.69 29.99
CA VAL A 174 17.49 14.29 29.64
C VAL A 174 16.47 13.32 30.28
N GLU A 175 15.93 13.65 31.46
CA GLU A 175 15.06 12.71 32.14
C GLU A 175 13.63 12.75 31.58
N LEU A 176 13.35 13.71 30.70
CA LEU A 176 12.04 13.80 30.06
C LEU A 176 11.95 13.24 28.61
N LEU A 177 13.11 12.97 28.03
CA LEU A 177 13.20 12.18 26.82
C LEU A 177 12.72 10.76 27.13
N PRO A 178 12.49 9.94 26.11
CA PRO A 178 11.87 8.66 26.39
C PRO A 178 12.75 7.81 27.28
N ARG A 179 12.11 7.20 28.29
CA ARG A 179 12.83 6.44 29.28
C ARG A 179 12.24 5.07 29.39
N CYS A 180 13.11 4.10 29.55
CA CYS A 180 12.75 2.71 29.80
C CYS A 180 11.67 2.57 30.84
N GLU A 181 10.76 1.64 30.61
CA GLU A 181 9.61 1.50 31.47
C GLU A 181 9.89 0.53 32.59
N ARG A 182 10.54 -0.58 32.31
CA ARG A 182 11.03 -1.45 33.38
C ARG A 182 11.67 -0.52 34.44
N LYS A 183 10.95 -0.20 35.51
CA LYS A 183 11.26 1.01 36.30
C LYS A 183 12.35 0.83 37.37
N SER A 184 12.68 -0.41 37.68
CA SER A 184 13.94 -0.69 38.35
C SER A 184 15.07 -0.06 37.51
N CYS A 185 14.86 0.07 36.19
CA CYS A 185 15.86 0.60 35.25
C CYS A 185 15.77 2.11 34.97
N ASN A 186 14.65 2.53 34.41
CA ASN A 186 14.45 3.90 33.97
C ASN A 186 15.51 4.48 33.05
N GLY A 187 16.19 3.60 32.32
CA GLY A 187 17.28 4.02 31.47
C GLY A 187 16.78 4.94 30.39
N LEU A 188 17.71 5.60 29.71
CA LEU A 188 17.38 6.45 28.56
C LEU A 188 17.25 5.61 27.30
N LEU A 189 16.22 5.85 26.52
CA LEU A 189 16.05 5.17 25.27
C LEU A 189 16.73 5.90 24.14
N ARG A 190 17.21 5.13 23.17
CA ARG A 190 17.65 5.67 21.88
C ARG A 190 16.89 4.97 20.78
N PRO A 191 16.87 5.56 19.59
CA PRO A 191 16.30 4.86 18.44
C PRO A 191 17.11 3.62 18.16
N HIS A 192 16.45 2.49 17.98
CA HIS A 192 17.12 1.24 17.64
C HIS A 192 17.49 1.19 16.17
N VAL A 193 18.37 2.09 15.75
CA VAL A 193 18.84 2.12 14.36
C VAL A 193 20.35 1.99 14.41
N VAL A 194 20.99 1.61 13.31
CA VAL A 194 22.42 1.51 13.30
C VAL A 194 22.93 2.84 12.87
N TRP A 195 23.64 3.51 13.76
CA TRP A 195 24.17 4.81 13.44
C TRP A 195 25.49 4.68 12.71
N PHE A 196 25.93 5.76 12.06
CA PHE A 196 27.24 5.78 11.43
C PHE A 196 28.36 5.56 12.45
N GLY A 197 29.30 4.73 12.06
CA GLY A 197 30.29 4.32 13.01
C GLY A 197 29.83 3.21 13.95
N GLU A 198 28.68 2.58 13.75
CA GLU A 198 28.32 1.37 14.52
C GLU A 198 28.31 0.12 13.64
N THR A 199 28.37 -1.08 14.25
CA THR A 199 28.32 -2.28 13.45
C THR A 199 26.92 -2.83 13.28
N LEU A 200 26.71 -3.60 12.24
CA LEU A 200 25.47 -4.28 12.07
C LEU A 200 25.47 -5.41 13.04
N ASP A 201 24.29 -5.71 13.60
CA ASP A 201 24.12 -6.80 14.58
C ASP A 201 24.46 -8.08 13.87
N SER A 202 25.31 -8.89 14.46
CA SER A 202 25.82 -10.02 13.69
C SER A 202 24.89 -11.20 13.64
N ASP A 203 23.94 -11.30 14.57
CA ASP A 203 22.92 -12.35 14.44
C ASP A 203 22.11 -12.23 13.16
N ILE A 204 21.88 -10.99 12.76
CA ILE A 204 21.15 -10.75 11.56
C ILE A 204 21.98 -11.12 10.33
N LEU A 205 23.24 -10.71 10.31
CA LEU A 205 24.09 -11.02 9.16
C LEU A 205 24.24 -12.51 8.94
N THR A 206 24.28 -13.28 10.04
CA THR A 206 24.38 -14.75 9.92
C THR A 206 23.09 -15.35 9.35
N ALA A 207 21.94 -14.82 9.77
CA ALA A 207 20.63 -15.18 9.16
C ALA A 207 20.51 -14.77 7.71
N VAL A 208 21.00 -13.59 7.39
CA VAL A 208 20.94 -13.15 6.01
C VAL A 208 21.86 -14.02 5.18
N GLU A 209 23.03 -14.37 5.71
CA GLU A 209 23.92 -15.25 4.98
C GLU A 209 23.18 -16.52 4.60
N ARG A 210 22.66 -17.17 5.63
CA ARG A 210 21.93 -18.40 5.43
C ARG A 210 20.84 -18.24 4.34
N GLU A 211 20.02 -17.19 4.41
CA GLU A 211 18.98 -16.95 3.36
C GLU A 211 19.60 -16.82 1.99
N LEU A 212 20.57 -15.94 1.83
CA LEU A 212 21.22 -15.73 0.53
C LEU A 212 21.90 -16.95 -0.06
N GLU A 213 22.39 -17.85 0.77
CA GLU A 213 22.85 -19.14 0.25
C GLU A 213 21.69 -20.00 -0.32
N LYS A 214 20.57 -20.11 0.42
CA LYS A 214 19.38 -20.85 -0.02
C LYS A 214 18.77 -20.36 -1.34
N CYS A 215 19.13 -19.13 -1.70
CA CYS A 215 18.36 -18.35 -2.61
C CYS A 215 18.67 -18.75 -4.04
N ASP A 216 17.67 -18.79 -4.94
CA ASP A 216 17.92 -19.03 -6.40
C ASP A 216 17.47 -17.92 -7.35
N LEU A 217 17.15 -16.78 -6.77
CA LEU A 217 16.95 -15.56 -7.52
C LEU A 217 17.11 -14.41 -6.53
N CYS A 218 17.77 -13.37 -6.96
CA CYS A 218 18.06 -12.24 -6.06
C CYS A 218 17.66 -10.97 -6.76
N LEU A 219 16.94 -10.12 -6.03
CA LEU A 219 16.49 -8.85 -6.54
C LEU A 219 17.14 -7.76 -5.73
N VAL A 220 17.56 -6.72 -6.42
CA VAL A 220 18.12 -5.55 -5.78
C VAL A 220 17.24 -4.41 -6.23
N VAL A 221 16.66 -3.69 -5.28
CA VAL A 221 15.63 -2.70 -5.60
C VAL A 221 15.93 -1.41 -4.89
N GLY A 222 15.97 -0.34 -5.66
CA GLY A 222 16.24 0.97 -5.13
C GLY A 222 17.65 1.12 -4.61
N THR A 223 18.60 0.45 -5.27
CA THR A 223 20.05 0.51 -4.99
C THR A 223 20.75 -0.41 -6.02
N SER A 224 22.08 -0.41 -6.09
CA SER A 224 22.82 -1.31 -6.98
C SER A 224 23.64 -2.29 -6.19
N SER A 225 23.99 -3.39 -6.83
CA SER A 225 24.79 -4.47 -6.23
C SER A 225 26.22 -4.03 -6.01
N ILE A 226 26.63 -2.97 -6.71
CA ILE A 226 27.99 -2.46 -6.72
C ILE A 226 28.24 -1.54 -5.54
N VAL A 227 27.31 -1.50 -4.60
CA VAL A 227 27.43 -0.59 -3.50
C VAL A 227 26.85 -1.14 -2.21
N TYR A 228 27.33 -0.63 -1.09
CA TYR A 228 26.77 -1.05 0.17
C TYR A 228 25.25 -0.80 0.26
N PRO A 229 24.48 -1.70 0.91
CA PRO A 229 24.92 -2.94 1.53
C PRO A 229 24.84 -4.12 0.57
N ALA A 230 24.22 -3.94 -0.59
CA ALA A 230 24.10 -5.06 -1.50
C ALA A 230 25.45 -5.75 -1.80
N ALA A 231 26.52 -4.97 -1.75
CA ALA A 231 27.85 -5.43 -2.10
C ALA A 231 28.39 -6.50 -1.17
N MET A 232 27.95 -6.47 0.08
CA MET A 232 28.37 -7.46 1.05
C MET A 232 28.03 -8.90 0.64
N PHE A 233 27.08 -9.03 -0.28
CA PHE A 233 26.43 -10.31 -0.44
C PHE A 233 26.24 -10.76 -1.84
N ALA A 234 25.83 -9.84 -2.72
CA ALA A 234 25.55 -10.19 -4.13
C ALA A 234 26.66 -11.09 -4.69
N PRO A 235 27.93 -10.85 -4.32
CA PRO A 235 29.03 -11.74 -4.75
C PRO A 235 28.90 -13.20 -4.29
N GLN A 236 28.58 -13.41 -3.00
CA GLN A 236 28.14 -14.73 -2.52
C GLN A 236 27.18 -15.35 -3.54
N VAL A 237 26.10 -14.63 -3.88
CA VAL A 237 25.07 -15.21 -4.71
C VAL A 237 25.49 -15.33 -6.17
N ALA A 238 26.20 -14.35 -6.70
CA ALA A 238 26.59 -14.39 -8.12
C ALA A 238 27.59 -15.51 -8.36
N SER A 239 28.48 -15.74 -7.40
CA SER A 239 29.47 -16.81 -7.51
C SER A 239 28.84 -18.21 -7.43
N ARG A 240 27.59 -18.28 -7.03
CA ARG A 240 26.83 -19.53 -7.13
C ARG A 240 26.10 -19.72 -8.43
N GLY A 241 26.26 -18.79 -9.38
CA GLY A 241 25.52 -18.80 -10.65
C GLY A 241 24.03 -18.38 -10.60
N VAL A 242 23.64 -17.73 -9.51
CA VAL A 242 22.25 -17.29 -9.30
C VAL A 242 21.99 -15.97 -10.01
N PRO A 243 20.88 -15.85 -10.73
CA PRO A 243 20.69 -14.57 -11.43
C PRO A 243 20.37 -13.44 -10.47
N VAL A 244 20.79 -12.24 -10.81
CA VAL A 244 20.52 -11.06 -10.03
C VAL A 244 19.88 -10.01 -10.91
N ALA A 245 18.83 -9.38 -10.41
CA ALA A 245 18.10 -8.35 -11.15
C ALA A 245 18.05 -7.05 -10.37
N GLU A 246 18.59 -5.99 -10.92
CA GLU A 246 18.54 -4.70 -10.27
C GLU A 246 17.32 -3.92 -10.78
N PHE A 247 16.65 -3.16 -9.92
CA PHE A 247 15.61 -2.20 -10.33
C PHE A 247 15.93 -0.93 -9.60
N ASN A 248 16.38 0.05 -10.33
CA ASN A 248 16.66 1.35 -9.75
C ASN A 248 16.63 2.36 -10.86
N MET A 249 16.88 3.62 -10.51
CA MET A 249 16.98 4.66 -11.51
C MET A 249 18.40 4.96 -11.90
N GLU A 250 19.34 4.02 -11.73
CA GLU A 250 20.68 4.24 -12.26
C GLU A 250 20.71 3.85 -13.74
N CYS A 251 21.52 4.56 -14.51
CA CYS A 251 21.76 4.25 -15.92
C CYS A 251 22.84 3.16 -16.04
N THR A 252 22.66 2.31 -17.04
CA THR A 252 23.64 1.27 -17.36
C THR A 252 24.34 1.76 -18.66
N PRO A 253 25.69 1.63 -18.75
CA PRO A 253 26.40 2.07 -19.97
C PRO A 253 25.82 1.48 -21.27
N ALA A 254 25.97 2.19 -22.39
CA ALA A 254 25.54 1.67 -23.71
C ALA A 254 25.92 0.17 -23.93
N THR A 255 27.15 -0.17 -23.54
CA THR A 255 27.75 -1.48 -23.73
C THR A 255 27.65 -2.43 -22.51
N GLN A 256 26.45 -2.65 -21.97
CA GLN A 256 26.13 -3.86 -21.17
C GLN A 256 24.65 -4.24 -21.22
N LYS A 259 23.30 -8.80 -13.86
CA LYS A 259 22.89 -9.59 -15.01
C LYS A 259 21.69 -8.93 -15.75
N TYR A 260 20.59 -8.72 -15.03
CA TYR A 260 19.39 -8.00 -15.53
C TYR A 260 19.26 -6.61 -14.87
N HIS A 261 18.81 -5.59 -15.60
CA HIS A 261 18.64 -4.26 -15.00
C HIS A 261 17.47 -3.47 -15.59
N PHE A 262 16.54 -3.06 -14.75
CA PHE A 262 15.32 -2.43 -15.22
C PHE A 262 15.30 -1.03 -14.71
N GLU A 263 15.64 -0.12 -15.60
CA GLU A 263 15.81 1.27 -15.23
C GLU A 263 14.39 1.84 -15.05
N GLY A 264 14.26 2.74 -14.08
CA GLY A 264 13.00 3.43 -13.82
C GLY A 264 12.63 3.41 -12.36
N PRO A 265 11.47 3.96 -12.04
CA PRO A 265 10.88 3.81 -10.72
C PRO A 265 10.43 2.37 -10.42
N CYS A 266 10.76 1.90 -9.22
CA CYS A 266 10.35 0.59 -8.74
C CYS A 266 8.84 0.51 -8.66
N GLY A 267 8.20 1.63 -8.33
CA GLY A 267 6.74 1.79 -8.38
C GLY A 267 6.15 1.31 -9.69
N SER A 268 6.83 1.61 -10.81
CA SER A 268 6.40 1.21 -12.14
C SER A 268 6.97 -0.10 -12.63
N THR A 269 8.27 -0.31 -12.45
CA THR A 269 8.93 -1.46 -13.05
C THR A 269 8.55 -2.74 -12.30
N LEU A 270 8.65 -2.70 -10.99
CA LEU A 270 8.59 -3.90 -10.19
C LEU A 270 7.24 -4.69 -10.23
N PRO A 271 6.09 -4.02 -10.09
CA PRO A 271 4.84 -4.81 -10.06
C PRO A 271 4.49 -5.63 -11.29
N PRO A 272 4.62 -5.06 -12.52
CA PRO A 272 4.60 -5.87 -13.72
C PRO A 272 5.49 -7.10 -13.63
N ALA A 273 6.73 -6.91 -13.17
CA ALA A 273 7.73 -8.00 -13.08
C ALA A 273 7.29 -9.16 -12.17
N LEU A 274 6.61 -8.85 -11.07
CA LEU A 274 6.30 -9.83 -10.05
C LEU A 274 4.92 -10.49 -10.18
N GLU A 275 4.10 -10.00 -11.10
CA GLU A 275 2.72 -10.43 -11.17
C GLU A 275 2.52 -11.98 -11.32
N SER B 10 -14.55 25.32 1.49
CA SER B 10 -13.23 25.53 2.15
C SER B 10 -12.19 24.44 1.80
N SER B 11 -10.96 24.87 1.52
CA SER B 11 -9.75 24.02 1.50
C SER B 11 -8.94 24.16 2.82
N ASP B 12 -9.65 24.48 3.91
CA ASP B 12 -9.01 24.66 5.21
C ASP B 12 -8.88 23.33 5.96
N LEU B 13 -7.64 22.86 6.02
CA LEU B 13 -7.32 21.54 6.53
C LEU B 13 -7.49 21.50 8.04
N THR B 14 -6.91 22.49 8.72
CA THR B 14 -7.00 22.59 10.21
C THR B 14 -8.48 22.52 10.69
N ALA B 15 -9.40 23.13 9.95
CA ALA B 15 -10.81 23.07 10.32
C ALA B 15 -11.31 21.61 10.27
N PHE B 16 -11.05 20.96 9.14
CA PHE B 16 -11.35 19.57 8.98
C PHE B 16 -10.72 18.74 10.10
N ARG B 17 -9.43 18.94 10.37
CA ARG B 17 -8.74 18.10 11.38
C ARG B 17 -9.42 18.23 12.75
N GLU B 18 -9.86 19.43 13.10
CA GLU B 18 -10.62 19.60 14.33
C GLU B 18 -11.82 18.67 14.37
N HIS B 19 -12.55 18.56 13.26
CA HIS B 19 -13.68 17.61 13.22
C HIS B 19 -13.23 16.19 13.29
N PHE B 20 -12.21 15.91 12.47
CA PHE B 20 -11.63 14.59 12.39
C PHE B 20 -11.30 14.07 13.80
N ALA B 21 -10.66 14.92 14.62
CA ALA B 21 -10.22 14.54 15.97
C ALA B 21 -11.38 14.20 16.90
N LYS B 22 -12.48 14.93 16.75
CA LYS B 22 -13.69 14.67 17.54
C LYS B 22 -14.51 13.50 17.05
N ALA B 23 -14.46 13.20 15.77
CA ALA B 23 -15.36 12.18 15.20
C ALA B 23 -15.25 10.78 15.81
N LYS B 24 -16.38 10.15 16.05
CA LYS B 24 -16.41 8.76 16.56
C LYS B 24 -16.89 7.73 15.54
N HIS B 25 -17.65 8.14 14.53
CA HIS B 25 -18.15 7.21 13.52
C HIS B 25 -18.01 7.87 12.16
N ILE B 26 -16.87 7.59 11.53
CA ILE B 26 -16.58 8.15 10.23
C ILE B 26 -17.06 7.23 9.16
N ALA B 27 -17.70 7.81 8.15
CA ALA B 27 -18.10 7.08 6.95
C ALA B 27 -17.39 7.65 5.72
N ILE B 28 -16.80 6.76 4.93
CA ILE B 28 -15.98 7.13 3.82
C ILE B 28 -16.60 6.50 2.60
N ILE B 29 -17.15 7.31 1.73
CA ILE B 29 -17.60 6.87 0.43
C ILE B 29 -16.50 7.04 -0.61
N THR B 30 -16.25 6.00 -1.40
CA THR B 30 -15.21 6.03 -2.38
C THR B 30 -15.73 5.73 -3.76
N GLY B 31 -15.27 6.53 -4.72
CA GLY B 31 -15.69 6.40 -6.09
C GLY B 31 -14.58 5.95 -7.00
N ALA B 32 -14.83 6.06 -8.30
CA ALA B 32 -13.95 5.49 -9.29
C ALA B 32 -12.62 6.20 -9.34
N GLY B 33 -12.56 7.41 -8.81
CA GLY B 33 -11.29 8.11 -8.74
C GLY B 33 -10.18 7.30 -8.08
N VAL B 34 -10.54 6.53 -7.09
CA VAL B 34 -9.53 5.96 -6.25
C VAL B 34 -8.96 4.75 -6.96
N SER B 35 -9.84 4.06 -7.64
CA SER B 35 -9.41 2.91 -8.39
C SER B 35 -8.63 3.43 -9.60
N ALA B 36 -8.99 4.61 -10.08
CA ALA B 36 -8.31 5.16 -11.26
C ALA B 36 -6.86 5.47 -10.99
N GLU B 37 -6.58 6.06 -9.83
CA GLU B 37 -5.24 6.35 -9.41
C GLU B 37 -4.40 5.10 -9.16
N SER B 38 -4.98 3.91 -9.25
CA SER B 38 -4.20 2.69 -9.20
C SER B 38 -4.12 2.08 -10.60
N GLY B 39 -4.43 2.88 -11.61
CA GLY B 39 -4.34 2.41 -12.99
C GLY B 39 -5.36 1.38 -13.42
N VAL B 40 -6.49 1.32 -12.76
CA VAL B 40 -7.50 0.33 -13.14
C VAL B 40 -8.36 0.82 -14.31
N PRO B 41 -8.43 0.04 -15.41
CA PRO B 41 -9.26 0.51 -16.54
C PRO B 41 -10.75 0.39 -16.19
N THR B 42 -11.53 1.42 -16.52
CA THR B 42 -12.98 1.32 -16.32
C THR B 42 -13.72 1.04 -17.62
N PHE B 43 -13.03 1.09 -18.77
CA PHE B 43 -13.63 0.76 -20.06
C PHE B 43 -14.84 1.61 -20.47
N ARG B 44 -14.74 2.92 -20.22
CA ARG B 44 -15.83 3.84 -20.44
C ARG B 44 -15.40 5.05 -21.23
N GLY B 45 -14.35 5.77 -20.84
CA GLY B 45 -13.90 6.99 -21.56
C GLY B 45 -13.66 6.74 -23.05
N PRO B 46 -13.41 7.82 -23.83
CA PRO B 46 -13.23 7.73 -25.29
C PRO B 46 -12.49 6.48 -25.77
N GLY B 47 -11.23 6.29 -25.40
CA GLY B 47 -10.46 5.08 -25.77
C GLY B 47 -10.51 3.99 -24.70
N GLY B 48 -11.60 3.91 -23.97
CA GLY B 48 -11.76 2.87 -22.98
C GLY B 48 -12.51 1.74 -23.65
N PHE B 49 -11.80 0.97 -24.47
CA PHE B 49 -12.39 -0.16 -25.19
C PHE B 49 -11.79 -1.50 -24.72
N TRP B 50 -12.56 -2.58 -24.86
CA TRP B 50 -12.03 -3.93 -24.70
C TRP B 50 -12.49 -4.65 -25.93
N ARG B 51 -11.55 -5.04 -26.78
CA ARG B 51 -11.90 -5.53 -28.11
C ARG B 51 -12.75 -4.45 -28.78
N LYS B 52 -13.90 -4.81 -29.36
CA LYS B 52 -14.73 -3.84 -30.05
C LYS B 52 -15.77 -3.19 -29.13
N TRP B 53 -15.79 -3.57 -27.85
CA TRP B 53 -16.85 -3.12 -26.93
C TRP B 53 -16.38 -2.17 -25.84
N GLN B 54 -17.37 -1.53 -25.23
CA GLN B 54 -17.18 -0.73 -24.03
C GLN B 54 -17.99 -1.38 -22.91
N ALA B 55 -17.80 -0.92 -21.67
CA ALA B 55 -18.44 -1.57 -20.54
C ALA B 55 -19.96 -1.64 -20.68
N GLN B 56 -20.57 -0.53 -21.12
CA GLN B 56 -22.02 -0.50 -21.28
C GLN B 56 -22.56 -1.68 -22.11
N ASP B 57 -21.84 -2.05 -23.16
CA ASP B 57 -22.27 -3.11 -24.07
C ASP B 57 -22.19 -4.45 -23.39
N LEU B 58 -21.26 -4.60 -22.44
CA LEU B 58 -21.01 -5.92 -21.85
C LEU B 58 -21.51 -6.14 -20.41
N ALA B 59 -21.53 -5.08 -19.61
CA ALA B 59 -21.93 -5.19 -18.21
C ALA B 59 -23.46 -5.17 -17.99
N THR B 60 -24.19 -6.07 -18.64
CA THR B 60 -25.67 -6.08 -18.59
C THR B 60 -26.11 -7.51 -18.54
N PRO B 61 -27.28 -7.78 -17.97
CA PRO B 61 -27.72 -9.18 -17.92
C PRO B 61 -28.04 -9.71 -19.30
N GLU B 62 -28.33 -8.81 -20.24
CA GLU B 62 -28.72 -9.17 -21.61
C GLU B 62 -27.49 -9.70 -22.31
N ALA B 63 -26.38 -9.00 -22.18
CA ALA B 63 -25.14 -9.50 -22.74
C ALA B 63 -24.79 -10.88 -22.19
N PHE B 64 -24.96 -11.08 -20.88
CA PHE B 64 -24.71 -12.39 -20.27
C PHE B 64 -25.63 -13.45 -20.79
N SER B 65 -26.89 -13.09 -20.97
CA SER B 65 -27.84 -14.03 -21.56
C SER B 65 -27.43 -14.38 -23.00
N ARG B 66 -27.19 -13.36 -23.82
CA ARG B 66 -26.84 -13.54 -25.23
C ARG B 66 -25.50 -14.23 -25.40
N ASP B 67 -24.45 -13.77 -24.74
CA ASP B 67 -23.13 -14.34 -24.99
C ASP B 67 -22.32 -14.49 -23.69
N PRO B 68 -22.64 -15.54 -22.93
CA PRO B 68 -21.97 -15.74 -21.63
C PRO B 68 -20.47 -16.01 -21.70
N SER B 69 -20.00 -16.70 -22.73
CA SER B 69 -18.55 -16.85 -22.91
C SER B 69 -17.90 -15.47 -23.03
N LEU B 70 -18.34 -14.70 -24.02
CA LEU B 70 -17.74 -13.38 -24.26
C LEU B 70 -17.68 -12.47 -23.00
N VAL B 71 -18.76 -12.45 -22.22
CA VAL B 71 -18.81 -11.64 -21.00
C VAL B 71 -17.79 -12.15 -20.01
N TRP B 72 -17.79 -13.46 -19.76
CA TRP B 72 -16.79 -14.04 -18.90
C TRP B 72 -15.37 -13.81 -19.40
N GLU B 73 -15.14 -13.85 -20.70
CA GLU B 73 -13.81 -13.45 -21.20
C GLU B 73 -13.42 -12.07 -20.67
N PHE B 74 -14.34 -11.14 -20.81
CA PHE B 74 -14.20 -9.74 -20.34
C PHE B 74 -13.94 -9.63 -18.86
N TYR B 75 -14.72 -10.34 -18.05
CA TYR B 75 -14.48 -10.33 -16.61
C TYR B 75 -13.19 -11.06 -16.24
N HIS B 76 -12.84 -12.14 -16.97
CA HIS B 76 -11.60 -12.87 -16.70
C HIS B 76 -10.46 -11.90 -16.84
N TYR B 77 -10.41 -11.22 -17.98
CA TYR B 77 -9.35 -10.23 -18.23
C TYR B 77 -9.27 -9.28 -17.06
N ARG B 78 -10.41 -8.75 -16.66
CA ARG B 78 -10.43 -7.74 -15.62
C ARG B 78 -9.89 -8.26 -14.31
N ARG B 79 -10.25 -9.50 -13.99
CA ARG B 79 -9.68 -10.19 -12.82
C ARG B 79 -8.15 -10.30 -12.92
N GLU B 80 -7.63 -10.64 -14.10
CA GLU B 80 -6.19 -10.84 -14.29
C GLU B 80 -5.41 -9.52 -14.26
N VAL B 81 -5.96 -8.45 -14.83
CA VAL B 81 -5.22 -7.17 -14.81
C VAL B 81 -5.09 -6.57 -13.43
N MET B 82 -5.80 -7.14 -12.45
CA MET B 82 -5.67 -6.72 -11.05
C MET B 82 -4.38 -7.23 -10.41
N ARG B 83 -3.78 -8.24 -11.02
CA ARG B 83 -2.54 -8.78 -10.52
C ARG B 83 -1.43 -7.76 -10.64
N SER B 84 -1.50 -6.79 -11.57
CA SER B 84 -0.47 -5.74 -11.62
C SER B 84 -0.83 -4.39 -11.00
N LYS B 85 -2.09 -4.21 -10.63
CA LYS B 85 -2.49 -2.94 -10.01
C LYS B 85 -2.51 -3.03 -8.51
N MET B 86 -1.81 -2.13 -7.84
CA MET B 86 -1.77 -2.15 -6.40
C MET B 86 -2.57 -1.00 -5.80
N PRO B 87 -2.97 -1.15 -4.53
CA PRO B 87 -3.55 -0.06 -3.73
C PRO B 87 -2.67 1.18 -3.70
N ASN B 88 -3.23 2.33 -4.06
CA ASN B 88 -2.51 3.57 -3.91
C ASN B 88 -2.53 4.06 -2.44
N PRO B 89 -1.78 5.11 -2.13
CA PRO B 89 -1.71 5.70 -0.80
C PRO B 89 -3.03 6.08 -0.18
N ALA B 90 -4.03 6.38 -1.01
CA ALA B 90 -5.34 6.69 -0.47
C ALA B 90 -5.95 5.45 0.15
N HIS B 91 -5.88 4.31 -0.55
CA HIS B 91 -6.40 3.07 0.03
C HIS B 91 -5.72 2.82 1.36
N LEU B 92 -4.40 3.00 1.39
CA LEU B 92 -3.66 2.64 2.57
C LEU B 92 -4.01 3.51 3.72
N ALA B 93 -4.05 4.81 3.46
CA ALA B 93 -4.25 5.77 4.54
C ALA B 93 -5.59 5.48 5.17
N ILE B 94 -6.59 5.25 4.35
CA ILE B 94 -7.86 4.80 4.88
C ILE B 94 -7.64 3.54 5.78
N ALA B 95 -7.13 2.43 5.22
CA ALA B 95 -7.03 1.21 6.00
C ALA B 95 -6.31 1.39 7.36
N GLU B 96 -5.29 2.22 7.35
CA GLU B 96 -4.51 2.33 8.52
C GLU B 96 -5.29 3.18 9.48
N CYS B 97 -5.85 4.26 8.96
CA CYS B 97 -6.76 5.08 9.77
C CYS B 97 -7.83 4.24 10.47
N GLU B 98 -8.50 3.37 9.73
CA GLU B 98 -9.45 2.46 10.33
C GLU B 98 -8.78 1.71 11.50
N ALA B 99 -7.66 1.05 11.20
CA ALA B 99 -6.92 0.24 12.21
C ALA B 99 -6.64 1.04 13.47
N ARG B 100 -6.06 2.22 13.25
CA ARG B 100 -5.70 3.10 14.34
C ARG B 100 -6.89 3.55 15.17
N LEU B 101 -7.99 3.95 14.53
CA LEU B 101 -9.13 4.45 15.26
C LEU B 101 -9.83 3.34 15.99
N GLY B 102 -9.92 2.18 15.37
CA GLY B 102 -10.50 1.00 16.04
C GLY B 102 -9.91 0.76 17.43
N GLN B 103 -8.59 0.84 17.55
CA GLN B 103 -7.91 0.75 18.86
C GLN B 103 -8.51 1.69 19.90
N GLN B 104 -8.99 2.84 19.43
CA GLN B 104 -9.48 3.86 20.32
C GLN B 104 -10.99 3.80 20.46
N GLY B 105 -11.63 2.72 20.03
CA GLY B 105 -13.08 2.61 20.05
C GLY B 105 -13.80 3.57 19.10
N ARG B 106 -13.16 3.94 18.00
CA ARG B 106 -13.81 4.80 17.02
C ARG B 106 -13.86 4.07 15.69
N SER B 107 -15.00 4.20 14.99
CA SER B 107 -15.23 3.34 13.85
C SER B 107 -14.92 4.10 12.59
N VAL B 108 -14.65 3.34 11.54
CA VAL B 108 -14.43 3.86 10.22
C VAL B 108 -14.99 2.85 9.25
N VAL B 109 -16.00 3.26 8.46
CA VAL B 109 -16.58 2.37 7.46
C VAL B 109 -16.38 2.86 6.03
N ILE B 110 -16.24 1.90 5.11
CA ILE B 110 -16.04 2.24 3.73
C ILE B 110 -17.24 1.75 2.92
N ILE B 111 -17.77 2.67 2.13
CA ILE B 111 -18.85 2.40 1.23
C ILE B 111 -18.27 2.75 -0.12
N THR B 112 -18.02 1.73 -0.93
CA THR B 112 -17.32 1.92 -2.16
C THR B 112 -18.19 1.48 -3.32
N GLN B 113 -18.11 2.24 -4.41
CA GLN B 113 -18.71 1.86 -5.68
C GLN B 113 -17.82 0.87 -6.41
N ASN B 114 -16.58 0.73 -5.97
CA ASN B 114 -15.61 0.01 -6.75
C ASN B 114 -15.64 -1.50 -6.52
N ILE B 115 -15.36 -2.25 -7.58
CA ILE B 115 -15.49 -3.70 -7.55
C ILE B 115 -14.17 -4.47 -7.61
N ASP B 116 -13.07 -3.77 -7.33
CA ASP B 116 -11.73 -4.33 -7.58
C ASP B 116 -11.01 -4.86 -6.30
N GLU B 117 -11.66 -4.73 -5.16
CA GLU B 117 -11.15 -5.21 -3.88
C GLU B 117 -9.87 -4.51 -3.45
N LEU B 118 -9.53 -3.40 -4.10
CA LEU B 118 -8.35 -2.68 -3.64
C LEU B 118 -8.45 -2.24 -2.18
N HIS B 119 -9.61 -1.85 -1.65
CA HIS B 119 -9.59 -1.47 -0.24
C HIS B 119 -9.24 -2.67 0.64
N HIS B 120 -9.60 -3.87 0.20
CA HIS B 120 -9.41 -5.07 0.99
C HIS B 120 -7.93 -5.42 1.01
N ARG B 121 -7.29 -5.22 -0.13
CA ARG B 121 -5.85 -5.44 -0.28
C ARG B 121 -5.00 -4.37 0.44
N ALA B 122 -5.60 -3.24 0.72
CA ALA B 122 -4.93 -2.25 1.55
C ALA B 122 -5.05 -2.64 3.03
N GLY B 123 -6.00 -3.54 3.33
CA GLY B 123 -6.26 -4.01 4.68
C GLY B 123 -7.44 -3.42 5.38
N SER B 124 -8.32 -2.74 4.65
CA SER B 124 -9.56 -2.26 5.22
C SER B 124 -10.38 -3.49 5.60
N LYS B 125 -11.21 -3.34 6.64
CA LYS B 125 -12.00 -4.42 7.16
C LYS B 125 -13.49 -4.14 7.03
N HIS B 126 -13.97 -3.00 7.53
CA HIS B 126 -15.41 -2.70 7.46
C HIS B 126 -15.67 -1.97 6.17
N VAL B 127 -15.89 -2.75 5.11
CA VAL B 127 -16.08 -2.24 3.77
C VAL B 127 -17.39 -2.73 3.21
N TYR B 128 -18.17 -1.84 2.58
CA TYR B 128 -19.39 -2.23 1.90
C TYR B 128 -19.23 -2.05 0.38
N GLU B 129 -19.24 -3.16 -0.35
CA GLU B 129 -19.13 -3.16 -1.80
C GLU B 129 -20.52 -3.16 -2.43
N ILE B 130 -21.06 -1.97 -2.61
CA ILE B 130 -22.43 -1.81 -3.10
C ILE B 130 -22.63 -2.19 -4.57
N HIS B 131 -21.56 -2.38 -5.32
CA HIS B 131 -21.70 -2.84 -6.68
C HIS B 131 -21.07 -4.22 -6.78
N GLY B 132 -20.78 -4.82 -5.63
CA GLY B 132 -20.24 -6.17 -5.64
C GLY B 132 -18.76 -6.28 -5.88
N SER B 133 -18.32 -7.34 -6.55
CA SER B 133 -16.89 -7.62 -6.66
C SER B 133 -16.53 -8.63 -7.77
N LEU B 134 -15.46 -8.31 -8.49
CA LEU B 134 -14.94 -9.18 -9.53
C LEU B 134 -14.56 -10.53 -8.97
N PHE B 135 -14.24 -10.58 -7.68
CA PHE B 135 -13.73 -11.78 -7.05
C PHE B 135 -14.79 -12.39 -6.13
N LYS B 136 -16.04 -12.29 -6.61
CA LYS B 136 -17.16 -13.05 -6.10
C LYS B 136 -18.04 -13.53 -7.25
N THR B 137 -18.60 -14.73 -7.08
CA THR B 137 -19.57 -15.29 -8.03
C THR B 137 -20.96 -15.43 -7.39
N ARG B 138 -21.99 -15.28 -8.21
CA ARG B 138 -23.33 -15.65 -7.81
C ARG B 138 -23.81 -16.79 -8.72
N CYS B 139 -24.40 -17.83 -8.12
CA CYS B 139 -24.91 -18.96 -8.91
C CYS B 139 -26.24 -18.57 -9.50
N MET B 140 -26.43 -18.85 -10.79
CA MET B 140 -27.67 -18.46 -11.45
C MET B 140 -28.83 -19.33 -11.02
N SER B 141 -28.54 -20.53 -10.51
CA SER B 141 -29.59 -21.45 -10.11
C SER B 141 -29.95 -21.25 -8.64
N CYS B 142 -28.99 -21.40 -7.73
CA CYS B 142 -29.29 -21.35 -6.30
C CYS B 142 -28.99 -20.00 -5.64
N GLY B 143 -28.18 -19.16 -6.28
CA GLY B 143 -27.97 -17.82 -5.77
C GLY B 143 -26.90 -17.68 -4.70
N GLU B 144 -26.15 -18.74 -4.44
CA GLU B 144 -25.11 -18.71 -3.43
C GLU B 144 -24.03 -17.77 -3.92
N VAL B 145 -23.62 -16.86 -3.04
CA VAL B 145 -22.54 -15.92 -3.32
C VAL B 145 -21.20 -16.43 -2.76
N LYS B 146 -20.21 -16.75 -3.59
CA LYS B 146 -18.96 -17.29 -3.08
C LYS B 146 -17.77 -16.45 -3.46
N ALA B 147 -16.86 -16.29 -2.51
CA ALA B 147 -15.63 -15.60 -2.78
C ALA B 147 -14.87 -16.48 -3.72
N ASN B 148 -14.25 -15.89 -4.73
CA ASN B 148 -13.41 -16.63 -5.64
C ASN B 148 -12.27 -15.77 -6.21
N HIS B 149 -11.00 -16.17 -5.98
CA HIS B 149 -9.84 -15.50 -6.57
C HIS B 149 -9.02 -16.39 -7.51
N LYS B 150 -9.51 -17.59 -7.83
CA LYS B 150 -8.80 -18.49 -8.76
C LYS B 150 -8.27 -17.75 -10.00
N SER B 151 -7.13 -18.20 -10.49
CA SER B 151 -6.51 -17.66 -11.67
C SER B 151 -5.93 -18.82 -12.44
N PRO B 152 -6.60 -19.24 -13.51
CA PRO B 152 -7.87 -18.76 -14.01
C PRO B 152 -9.05 -19.36 -13.25
N ILE B 153 -10.08 -18.55 -13.08
CA ILE B 153 -11.34 -18.96 -12.45
C ILE B 153 -11.81 -20.34 -12.89
N CYS B 154 -11.59 -20.66 -14.17
CA CYS B 154 -11.79 -22.00 -14.68
C CYS B 154 -10.79 -22.26 -15.82
N PRO B 155 -10.32 -23.52 -15.96
CA PRO B 155 -9.40 -23.98 -17.03
C PRO B 155 -9.76 -23.46 -18.42
N ALA B 156 -11.00 -23.67 -18.82
CA ALA B 156 -11.48 -23.24 -20.12
C ALA B 156 -11.00 -21.84 -20.51
N LEU B 157 -10.87 -20.97 -19.52
CA LEU B 157 -10.56 -19.55 -19.75
C LEU B 157 -9.08 -19.23 -19.59
N ASP B 158 -8.27 -20.23 -19.25
CA ASP B 158 -6.83 -20.03 -19.15
C ASP B 158 -6.32 -19.31 -20.40
N GLY B 159 -5.62 -18.20 -20.20
CA GLY B 159 -5.05 -17.45 -21.32
C GLY B 159 -6.04 -16.80 -22.29
N LYS B 160 -7.30 -16.66 -21.90
CA LYS B 160 -8.29 -16.01 -22.77
C LYS B 160 -8.45 -14.55 -22.35
N GLY B 161 -9.39 -13.85 -22.99
CA GLY B 161 -9.79 -12.51 -22.57
C GLY B 161 -8.93 -11.38 -23.13
N ALA B 162 -8.16 -11.66 -24.17
CA ALA B 162 -7.25 -10.63 -24.73
C ALA B 162 -8.04 -9.41 -25.16
N PRO B 163 -7.46 -8.20 -24.98
CA PRO B 163 -8.08 -6.92 -25.30
C PRO B 163 -8.00 -6.43 -26.75
N ASP B 164 -6.89 -6.70 -27.45
CA ASP B 164 -6.73 -6.20 -28.85
C ASP B 164 -7.98 -6.53 -29.72
N PRO B 165 -8.55 -5.49 -30.40
CA PRO B 165 -9.84 -5.61 -31.10
C PRO B 165 -10.00 -6.80 -32.07
N ASN B 166 -8.89 -7.38 -32.47
CA ASN B 166 -8.88 -8.45 -33.45
C ASN B 166 -8.78 -9.83 -32.88
N THR B 167 -8.94 -9.99 -31.57
CA THR B 167 -8.79 -11.30 -30.96
C THR B 167 -9.95 -12.19 -31.41
N LYS B 168 -9.73 -13.50 -31.38
CA LYS B 168 -10.82 -14.42 -31.64
C LYS B 168 -11.60 -14.60 -30.36
N GLU B 169 -12.90 -14.70 -30.52
CA GLU B 169 -13.75 -15.19 -29.47
C GLU B 169 -13.31 -16.59 -29.04
N ALA B 170 -13.34 -16.86 -27.74
CA ALA B 170 -13.10 -18.21 -27.23
C ALA B 170 -14.34 -19.10 -27.39
N ARG B 171 -15.51 -18.50 -27.65
CA ARG B 171 -16.79 -19.25 -27.83
C ARG B 171 -16.80 -20.55 -27.00
N ILE B 172 -16.68 -20.37 -25.69
CA ILE B 172 -16.58 -21.48 -24.74
C ILE B 172 -17.94 -22.14 -24.48
N PRO B 173 -18.02 -23.46 -24.62
CA PRO B 173 -19.24 -24.19 -24.25
C PRO B 173 -19.68 -23.85 -22.86
N VAL B 174 -20.98 -23.62 -22.70
CA VAL B 174 -21.56 -23.15 -21.46
C VAL B 174 -21.21 -24.00 -20.21
N GLU B 175 -21.02 -25.30 -20.36
CA GLU B 175 -20.77 -26.16 -19.18
C GLU B 175 -19.33 -26.06 -18.71
N LEU B 176 -18.47 -25.43 -19.49
CA LEU B 176 -17.06 -25.28 -19.12
C LEU B 176 -16.72 -23.92 -18.49
N LEU B 177 -17.64 -22.97 -18.61
CA LEU B 177 -17.59 -21.72 -17.85
C LEU B 177 -17.77 -22.08 -16.38
N PRO B 178 -17.42 -21.17 -15.48
CA PRO B 178 -17.44 -21.54 -14.06
C PRO B 178 -18.82 -21.98 -13.61
N ARG B 179 -18.87 -23.09 -12.88
CA ARG B 179 -20.14 -23.70 -12.47
C ARG B 179 -20.15 -23.92 -10.98
N CYS B 180 -21.31 -23.70 -10.37
CA CYS B 180 -21.52 -23.94 -8.95
C CYS B 180 -20.97 -25.29 -8.53
N GLU B 181 -20.36 -25.33 -7.36
CA GLU B 181 -19.74 -26.57 -6.90
C GLU B 181 -20.67 -27.41 -6.06
N ARG B 182 -21.48 -26.78 -5.21
CA ARG B 182 -22.59 -27.50 -4.61
C ARG B 182 -23.23 -28.32 -5.76
N LYS B 183 -22.90 -29.61 -5.86
CA LYS B 183 -23.12 -30.38 -7.12
C LYS B 183 -24.53 -30.96 -7.33
N SER B 184 -25.32 -31.00 -6.27
CA SER B 184 -26.76 -31.10 -6.42
C SER B 184 -27.29 -29.98 -7.34
N CYS B 185 -26.56 -28.86 -7.38
CA CYS B 185 -26.90 -27.69 -8.20
C CYS B 185 -26.24 -27.62 -9.58
N ASN B 186 -24.91 -27.54 -9.60
CA ASN B 186 -24.13 -27.37 -10.84
C ASN B 186 -24.55 -26.17 -11.68
N GLY B 187 -25.17 -25.17 -11.05
CA GLY B 187 -25.63 -24.00 -11.76
C GLY B 187 -24.49 -23.26 -12.42
N LEU B 188 -24.82 -22.36 -13.34
CA LEU B 188 -23.83 -21.49 -13.99
C LEU B 188 -23.57 -20.27 -13.07
N LEU B 189 -22.29 -19.92 -12.91
CA LEU B 189 -21.94 -18.74 -12.16
C LEU B 189 -21.86 -17.51 -13.04
N ARG B 190 -22.21 -16.36 -12.44
CA ARG B 190 -21.96 -15.05 -13.03
C ARG B 190 -21.12 -14.21 -12.08
N PRO B 191 -20.48 -13.13 -12.59
CA PRO B 191 -19.79 -12.24 -11.67
C PRO B 191 -20.79 -11.58 -10.77
N HIS B 192 -20.52 -11.56 -9.45
CA HIS B 192 -21.41 -10.93 -8.45
C HIS B 192 -21.20 -9.43 -8.45
N VAL B 193 -21.51 -8.78 -9.56
CA VAL B 193 -21.36 -7.35 -9.67
C VAL B 193 -22.70 -6.83 -10.05
N VAL B 194 -22.96 -5.54 -9.82
CA VAL B 194 -24.24 -4.96 -10.19
C VAL B 194 -24.07 -4.41 -11.60
N TRP B 195 -24.78 -5.01 -12.55
CA TRP B 195 -24.67 -4.61 -13.95
C TRP B 195 -25.57 -3.46 -14.21
N PHE B 196 -25.37 -2.80 -15.35
CA PHE B 196 -26.29 -1.73 -15.77
C PHE B 196 -27.72 -2.25 -15.92
N GLY B 197 -28.64 -1.46 -15.39
CA GLY B 197 -30.00 -1.88 -15.28
C GLY B 197 -30.36 -2.64 -14.02
N GLU B 198 -29.39 -3.01 -13.20
CA GLU B 198 -29.72 -3.77 -12.01
C GLU B 198 -29.73 -2.87 -10.77
N THR B 199 -30.46 -3.30 -9.76
CA THR B 199 -30.60 -2.52 -8.54
C THR B 199 -29.64 -3.03 -7.53
N LEU B 200 -29.41 -2.23 -6.53
CA LEU B 200 -28.51 -2.63 -5.50
C LEU B 200 -29.22 -3.56 -4.52
N ASP B 201 -28.50 -4.56 -4.01
CA ASP B 201 -29.01 -5.53 -3.04
C ASP B 201 -29.46 -4.73 -1.84
N SER B 202 -30.67 -4.98 -1.40
CA SER B 202 -31.28 -4.07 -0.42
C SER B 202 -30.84 -4.40 1.00
N ASP B 203 -30.32 -5.59 1.27
CA ASP B 203 -29.72 -5.86 2.60
C ASP B 203 -28.55 -4.92 2.89
N ILE B 204 -27.76 -4.64 1.85
CA ILE B 204 -26.61 -3.77 1.97
C ILE B 204 -27.06 -2.33 2.20
N LEU B 205 -28.03 -1.86 1.43
CA LEU B 205 -28.49 -0.51 1.61
C LEU B 205 -29.02 -0.27 3.02
N THR B 206 -29.64 -1.30 3.60
CA THR B 206 -30.11 -1.18 4.97
C THR B 206 -29.00 -0.99 5.94
N ALA B 207 -27.97 -1.80 5.77
CA ALA B 207 -26.79 -1.70 6.59
C ALA B 207 -26.11 -0.35 6.42
N VAL B 208 -26.07 0.13 5.18
CA VAL B 208 -25.40 1.38 4.90
C VAL B 208 -26.22 2.47 5.52
N GLU B 209 -27.56 2.32 5.48
CA GLU B 209 -28.42 3.29 6.15
C GLU B 209 -28.02 3.38 7.62
N ARG B 210 -28.06 2.23 8.29
CA ARG B 210 -27.68 2.17 9.71
C ARG B 210 -26.34 2.92 9.96
N GLU B 211 -25.32 2.60 9.16
CA GLU B 211 -24.01 3.25 9.32
C GLU B 211 -24.08 4.75 9.17
N LEU B 212 -24.62 5.19 8.06
CA LEU B 212 -24.73 6.60 7.83
C LEU B 212 -25.56 7.37 8.90
N GLU B 213 -26.53 6.68 9.51
CA GLU B 213 -27.32 7.25 10.61
C GLU B 213 -26.45 7.73 11.71
N LYS B 214 -25.72 6.75 12.26
CA LYS B 214 -24.82 6.95 13.41
C LYS B 214 -23.55 7.78 13.08
N CYS B 215 -23.36 8.16 11.83
CA CYS B 215 -22.10 8.73 11.38
C CYS B 215 -22.04 10.19 11.79
N ASP B 216 -20.88 10.67 12.21
CA ASP B 216 -20.72 12.08 12.53
C ASP B 216 -19.66 12.82 11.73
N LEU B 217 -19.14 12.13 10.71
CA LEU B 217 -18.25 12.72 9.73
C LEU B 217 -18.32 11.88 8.49
N CYS B 218 -18.42 12.51 7.33
CA CYS B 218 -18.54 11.79 6.10
C CYS B 218 -17.49 12.29 5.11
N LEU B 219 -16.80 11.35 4.46
CA LEU B 219 -15.78 11.65 3.45
C LEU B 219 -16.25 11.12 2.12
N VAL B 220 -16.01 11.91 1.08
CA VAL B 220 -16.31 11.50 -0.25
C VAL B 220 -15.00 11.58 -0.99
N VAL B 221 -14.58 10.47 -1.58
CA VAL B 221 -13.25 10.39 -2.16
C VAL B 221 -13.33 9.79 -3.52
N GLY B 222 -12.73 10.49 -4.48
CA GLY B 222 -12.67 10.04 -5.89
C GLY B 222 -14.02 10.07 -6.54
N THR B 223 -14.84 11.07 -6.16
CA THR B 223 -16.19 11.32 -6.70
C THR B 223 -16.77 12.54 -5.99
N SER B 224 -17.90 13.10 -6.41
CA SER B 224 -18.49 14.22 -5.69
C SER B 224 -19.75 13.74 -5.08
N SER B 225 -20.22 14.47 -4.07
CA SER B 225 -21.49 14.18 -3.40
C SER B 225 -22.71 14.40 -4.28
N ILE B 226 -22.58 15.18 -5.36
CA ILE B 226 -23.76 15.48 -6.23
C ILE B 226 -23.98 14.54 -7.41
N VAL B 227 -23.10 13.58 -7.57
CA VAL B 227 -23.15 12.69 -8.71
C VAL B 227 -23.69 11.36 -8.16
N TYR B 228 -24.40 10.63 -9.02
CA TYR B 228 -24.97 9.32 -8.67
C TYR B 228 -23.86 8.35 -8.91
N PRO B 229 -23.70 7.37 -8.06
CA PRO B 229 -24.45 6.98 -6.91
C PRO B 229 -24.03 7.68 -5.58
N ALA B 230 -22.95 8.43 -5.55
CA ALA B 230 -22.57 9.07 -4.29
C ALA B 230 -23.70 9.98 -3.70
N ALA B 231 -24.56 10.53 -4.55
CA ALA B 231 -25.71 11.36 -4.11
C ALA B 231 -26.71 10.68 -3.21
N MET B 232 -26.83 9.36 -3.34
CA MET B 232 -27.65 8.56 -2.43
C MET B 232 -27.25 8.67 -0.96
N PHE B 233 -26.04 9.13 -0.68
CA PHE B 233 -25.51 9.07 0.65
C PHE B 233 -25.17 10.42 1.23
N ALA B 234 -24.30 11.18 0.59
CA ALA B 234 -23.75 12.36 1.30
C ALA B 234 -24.76 13.46 1.67
N PRO B 235 -25.69 13.79 0.76
CA PRO B 235 -26.70 14.76 1.10
C PRO B 235 -27.57 14.36 2.30
N GLN B 236 -28.02 13.11 2.34
CA GLN B 236 -28.67 12.55 3.55
C GLN B 236 -27.92 13.09 4.72
N VAL B 237 -26.63 12.81 4.74
CA VAL B 237 -25.84 13.06 5.91
C VAL B 237 -25.59 14.54 6.15
N ALA B 238 -25.33 15.28 5.09
CA ALA B 238 -25.08 16.70 5.23
C ALA B 238 -26.32 17.46 5.68
N SER B 239 -27.48 17.02 5.24
CA SER B 239 -28.67 17.69 5.64
C SER B 239 -28.90 17.50 7.15
N ARG B 240 -28.35 16.44 7.77
CA ARG B 240 -28.45 16.21 9.24
CA ARG B 240 -28.49 16.24 9.22
C ARG B 240 -27.55 17.19 9.98
N GLY B 241 -26.79 18.01 9.26
CA GLY B 241 -25.74 18.89 9.84
C GLY B 241 -24.39 18.22 10.15
N VAL B 242 -24.17 17.05 9.58
CA VAL B 242 -22.88 16.35 9.67
C VAL B 242 -21.93 16.93 8.64
N PRO B 243 -20.68 17.23 9.01
CA PRO B 243 -19.81 17.78 7.98
C PRO B 243 -19.44 16.73 6.92
N VAL B 244 -19.23 17.19 5.69
CA VAL B 244 -18.88 16.34 4.58
C VAL B 244 -17.67 16.95 3.90
N ALA B 245 -16.69 16.09 3.60
CA ALA B 245 -15.45 16.51 3.00
C ALA B 245 -15.21 15.75 1.72
N GLU B 246 -15.10 16.45 0.60
CA GLU B 246 -14.87 15.81 -0.67
C GLU B 246 -13.36 15.83 -0.91
N PHE B 247 -12.81 14.79 -1.53
CA PHE B 247 -11.45 14.78 -2.09
C PHE B 247 -11.52 14.17 -3.50
N ASN B 248 -11.33 14.99 -4.52
CA ASN B 248 -11.31 14.47 -5.87
C ASN B 248 -10.51 15.43 -6.69
N MET B 249 -10.30 15.08 -7.95
CA MET B 249 -9.52 15.94 -8.81
C MET B 249 -10.35 15.85 -10.04
N GLU B 250 -11.55 16.41 -9.97
CA GLU B 250 -12.42 16.40 -11.14
C GLU B 250 -12.73 17.79 -11.62
N CYS B 251 -12.10 18.82 -11.04
CA CYS B 251 -12.52 20.20 -11.25
C CYS B 251 -14.03 20.27 -11.04
N THR B 252 -14.49 19.80 -9.89
CA THR B 252 -15.89 19.97 -9.55
C THR B 252 -16.01 21.52 -9.50
N PRO B 253 -16.86 22.13 -10.36
CA PRO B 253 -16.88 23.60 -10.42
C PRO B 253 -16.98 24.24 -9.03
N ALA B 254 -16.28 25.35 -8.80
CA ALA B 254 -16.34 26.06 -7.49
C ALA B 254 -17.82 26.20 -6.95
N THR B 255 -18.75 26.49 -7.87
CA THR B 255 -20.23 26.57 -7.64
C THR B 255 -20.77 25.33 -6.88
N GLN B 256 -20.30 24.14 -7.26
CA GLN B 256 -20.95 22.87 -6.88
C GLN B 256 -20.05 21.89 -6.08
N ARG B 257 -19.74 22.32 -4.86
CA ARG B 257 -18.84 21.62 -3.96
C ARG B 257 -19.60 21.17 -2.72
N PHE B 258 -18.89 20.89 -1.63
CA PHE B 258 -19.53 20.83 -0.33
C PHE B 258 -18.73 21.60 0.72
N LYS B 259 -19.30 21.63 1.92
CA LYS B 259 -18.64 22.13 3.12
C LYS B 259 -17.11 22.24 2.92
N TYR B 260 -16.37 21.11 2.99
CA TYR B 260 -14.89 21.09 2.79
C TYR B 260 -14.52 20.40 1.50
N HIS B 261 -13.50 20.90 0.81
CA HIS B 261 -13.09 20.28 -0.46
C HIS B 261 -11.62 20.39 -0.74
N PHE B 262 -11.02 19.25 -1.06
CA PHE B 262 -9.59 19.23 -1.26
C PHE B 262 -9.33 18.71 -2.67
N GLU B 263 -9.03 19.65 -3.57
CA GLU B 263 -8.77 19.32 -4.96
C GLU B 263 -7.39 18.67 -5.04
N GLY B 264 -7.30 17.66 -5.90
CA GLY B 264 -6.05 16.96 -6.11
C GLY B 264 -6.23 15.49 -5.95
N PRO B 265 -5.24 14.73 -6.38
CA PRO B 265 -5.22 13.28 -6.23
C PRO B 265 -5.38 12.87 -4.78
N CYS B 266 -6.24 11.89 -4.58
CA CYS B 266 -6.48 11.36 -3.26
C CYS B 266 -5.22 10.78 -2.70
N GLY B 267 -4.42 10.20 -3.60
CA GLY B 267 -3.08 9.73 -3.28
C GLY B 267 -2.32 10.74 -2.44
N SER B 268 -2.40 12.01 -2.81
CA SER B 268 -1.68 13.09 -2.17
C SER B 268 -2.45 13.76 -1.08
N THR B 269 -3.72 14.06 -1.31
CA THR B 269 -4.47 14.91 -0.36
C THR B 269 -4.82 14.12 0.86
N LEU B 270 -5.36 12.92 0.63
CA LEU B 270 -5.98 12.19 1.70
C LEU B 270 -5.05 11.76 2.87
N PRO B 271 -3.83 11.27 2.56
CA PRO B 271 -3.07 10.77 3.70
C PRO B 271 -2.70 11.82 4.75
N PRO B 272 -2.31 13.04 4.32
CA PRO B 272 -2.06 14.15 5.23
C PRO B 272 -3.23 14.40 6.11
N ALA B 273 -4.41 14.39 5.50
CA ALA B 273 -5.68 14.63 6.18
C ALA B 273 -6.00 13.64 7.26
N LEU B 274 -5.67 12.36 7.05
CA LEU B 274 -6.04 11.28 7.98
C LEU B 274 -4.98 10.88 9.03
N GLU B 275 -3.78 11.44 8.90
CA GLU B 275 -2.69 11.05 9.77
C GLU B 275 -3.01 11.13 11.28
C BEZ C 1 33.29 -7.12 14.68
O1 BEZ C 1 32.52 -7.62 15.50
C1 BEZ C 1 34.66 -7.23 14.98
C2 BEZ C 1 35.60 -6.26 14.57
C3 BEZ C 1 36.92 -6.38 14.90
C4 BEZ C 1 37.29 -7.49 15.66
C5 BEZ C 1 36.38 -8.46 16.08
C6 BEZ C 1 35.06 -8.34 15.74
N GLY C 2 32.89 -6.44 13.53
CA GLY C 2 31.47 -6.28 13.10
C GLY C 2 31.53 -5.33 11.95
N VAL C 3 30.50 -5.36 11.12
CA VAL C 3 30.53 -4.62 9.86
C VAL C 3 30.14 -3.17 10.09
N LEU C 4 31.12 -2.29 10.00
CA LEU C 4 30.83 -0.88 10.05
C LEU C 4 29.83 -0.50 8.94
N LYS C 5 28.75 0.15 9.36
CA LYS C 5 27.76 0.75 8.51
C LYS C 5 28.47 1.44 7.37
N GLU C 6 27.97 1.26 6.16
CA GLU C 6 28.58 1.85 4.96
C GLU C 6 30.12 1.69 4.82
N TYR C 7 30.59 0.59 5.41
CA TYR C 7 32.00 0.29 5.57
C TYR C 7 32.78 1.43 6.20
N GLY C 8 32.21 2.17 7.15
CA GLY C 8 32.90 3.29 7.79
C GLY C 8 33.24 4.48 6.91
N VAL C 9 32.81 4.49 5.63
CA VAL C 9 33.06 5.66 4.73
C VAL C 9 32.41 6.92 5.32
ZN ZN D . 16.05 -0.35 30.49
CAJ WOC E . 22.00 4.80 8.12
CAK WOC E . 21.47 6.10 8.67
CAL WOC E . 20.08 5.81 9.22
OAM WOC E . 21.55 4.29 7.09
CAN WOC E . 19.52 7.20 9.67
OAO WOC E . 19.49 7.49 10.87
OAP WOC E . 19.13 7.95 8.75
CAQ WOC E . 19.14 5.28 8.13
CAR WOC E . 20.15 4.77 10.33
S DMS F . -2.16 -5.07 4.69
O DMS F . -2.44 -6.32 3.96
C1 DMS F . -1.53 -4.03 3.49
C2 DMS F . -0.77 -5.08 5.70
ZN ZN G . -25.71 -23.22 -7.14
N1 EPE H . -21.61 0.19 -13.15
C2 EPE H . -21.64 0.55 -11.75
C3 EPE H . -22.94 1.27 -11.52
N4 EPE H . -23.98 0.25 -11.51
C5 EPE H . -24.18 -0.05 -12.92
C6 EPE H . -22.85 -0.48 -13.56
C7 EPE H . -25.11 0.81 -10.76
C8 EPE H . -26.32 -0.10 -10.80
O8 EPE H . -27.48 0.64 -11.16
C9 EPE H . -20.47 -0.74 -13.28
C10 EPE H . -20.20 -0.97 -14.77
S EPE H . -18.67 -1.53 -15.14
O1S EPE H . -18.74 -2.51 -16.26
O2S EPE H . -18.19 -2.34 -14.00
O3S EPE H . -17.89 -0.31 -15.58
C1 EDO I . -17.22 1.26 -11.11
O1 EDO I . -18.49 1.01 -10.50
C2 EDO I . -16.35 0.01 -11.09
O2 EDO I . -15.15 0.22 -10.29
NA NA J . -28.70 -10.55 -0.04
#